data_5EXP
#
_entry.id   5EXP
#
_cell.length_a   104.907
_cell.length_b   104.907
_cell.length_c   42.752
_cell.angle_alpha   90.00
_cell.angle_beta   90.00
_cell.angle_gamma   120.00
#
_symmetry.space_group_name_H-M   'P 65'
#
loop_
_entity.id
_entity.type
_entity.pdbx_description
1 polymer 'Transcriptional regulator FleQ'
2 non-polymer 'SULFATE ION'
3 non-polymer 1,2-ETHANEDIOL
4 water water
#
_entity_poly.entity_id   1
_entity_poly.type   'polypeptide(L)'
_entity_poly.pdbx_seq_one_letter_code
;SGSREPNLFRSLVGTSRAIQQVRQMMQQVADTDASVLILGESGTGKEVVARNLHYHSKRREGPFVPVNCGAIPAELLESE
LFGHEKGAFTGAITSRAGRFELANGGTLFLDEIGDMPLPMQVKLLRVLQERTFERVGSNKTQNVDVRIIAATHKNLEKMI
EDGTFREDLYYRLNVFPIEMAPLRERVEDIALLLNELISRMEHEKRGSIRFNSAAIMSLCRHDWPGNVRELANLVERLAI
MHPYGVIGVGELPKKFRHVD
;
_entity_poly.pdbx_strand_id   A
#
# COMPACT_ATOMS: atom_id res chain seq x y z
N SER A 11 -7.38 -5.23 -11.60
CA SER A 11 -6.39 -6.20 -11.13
C SER A 11 -6.73 -6.72 -9.73
N LEU A 12 -7.88 -6.29 -9.22
CA LEU A 12 -8.39 -6.74 -7.92
C LEU A 12 -9.41 -7.85 -8.07
N VAL A 13 -8.96 -9.09 -7.85
CA VAL A 13 -9.75 -10.27 -8.15
C VAL A 13 -10.73 -10.66 -7.02
N GLY A 14 -11.90 -11.20 -7.36
CA GLY A 14 -12.80 -11.73 -6.35
C GLY A 14 -14.27 -11.40 -6.53
N THR A 15 -15.13 -12.15 -5.86
CA THR A 15 -16.57 -11.97 -5.96
C THR A 15 -17.20 -11.45 -4.68
N SER A 16 -16.41 -11.41 -3.62
CA SER A 16 -16.90 -10.99 -2.32
C SER A 16 -17.53 -9.62 -2.40
N ARG A 17 -18.49 -9.34 -1.52
CA ARG A 17 -19.12 -8.04 -1.45
C ARG A 17 -18.05 -6.98 -1.15
N ALA A 18 -17.13 -7.33 -0.27
CA ALA A 18 -16.03 -6.44 0.12
C ALA A 18 -15.24 -5.95 -1.07
N ILE A 19 -14.78 -6.86 -1.92
CA ILE A 19 -13.94 -6.44 -3.02
C ILE A 19 -14.75 -5.70 -4.08
N GLN A 20 -16.02 -6.07 -4.23
CA GLN A 20 -16.87 -5.35 -5.18
C GLN A 20 -17.03 -3.90 -4.72
N GLN A 21 -17.24 -3.73 -3.42
CA GLN A 21 -17.34 -2.39 -2.82
C GLN A 21 -16.07 -1.58 -3.07
N VAL A 22 -14.94 -2.21 -2.84
CA VAL A 22 -13.66 -1.54 -3.03
C VAL A 22 -13.50 -1.10 -4.49
N ARG A 23 -13.86 -1.98 -5.42
CA ARG A 23 -13.76 -1.61 -6.83
C ARG A 23 -14.66 -0.41 -7.15
N GLN A 24 -15.86 -0.41 -6.57
CA GLN A 24 -16.81 0.66 -6.82
C GLN A 24 -16.28 1.97 -6.26
N MET A 25 -15.66 1.90 -5.09
CA MET A 25 -15.13 3.12 -4.46
C MET A 25 -13.92 3.66 -5.19
N MET A 26 -13.04 2.78 -5.66
CA MET A 26 -11.91 3.20 -6.45
C MET A 26 -12.38 3.96 -7.68
N GLN A 27 -13.42 3.44 -8.32
CA GLN A 27 -13.94 4.09 -9.51
C GLN A 27 -14.46 5.50 -9.18
N GLN A 28 -15.10 5.64 -8.02
CA GLN A 28 -15.64 6.95 -7.62
C GLN A 28 -14.55 8.00 -7.46
N VAL A 29 -13.40 7.61 -6.92
CA VAL A 29 -12.43 8.62 -6.49
C VAL A 29 -11.21 8.76 -7.42
N ALA A 30 -10.90 7.74 -8.20
CA ALA A 30 -9.63 7.68 -8.96
C ALA A 30 -9.34 8.94 -9.80
N ASP A 31 -10.32 9.36 -10.60
CA ASP A 31 -10.11 10.49 -11.52
C ASP A 31 -10.39 11.84 -10.87
N THR A 32 -10.51 11.86 -9.55
CA THR A 32 -10.49 13.12 -8.82
C THR A 32 -9.10 13.29 -8.23
N ASP A 33 -8.82 14.48 -7.73
CA ASP A 33 -7.54 14.72 -7.07
C ASP A 33 -7.68 14.65 -5.55
N ALA A 34 -8.80 14.08 -5.09
CA ALA A 34 -9.06 14.00 -3.64
C ALA A 34 -8.07 13.07 -2.95
N SER A 35 -7.69 13.42 -1.73
CA SER A 35 -6.79 12.57 -0.99
CA SER A 35 -6.80 12.59 -0.93
C SER A 35 -7.48 11.29 -0.54
N VAL A 36 -6.81 10.16 -0.77
CA VAL A 36 -7.34 8.84 -0.47
C VAL A 36 -6.55 8.23 0.69
N LEU A 37 -7.24 7.66 1.66
CA LEU A 37 -6.57 6.91 2.72
C LEU A 37 -6.99 5.46 2.63
N ILE A 38 -6.02 4.57 2.40
CA ILE A 38 -6.29 3.15 2.27
C ILE A 38 -5.93 2.45 3.56
N LEU A 39 -6.90 1.76 4.15
CA LEU A 39 -6.72 1.16 5.48
C LEU A 39 -6.79 -0.34 5.38
N GLY A 40 -5.89 -1.05 6.04
CA GLY A 40 -5.94 -2.50 5.94
C GLY A 40 -4.70 -3.14 6.51
N GLU A 41 -4.83 -4.41 6.86
CA GLU A 41 -3.68 -5.15 7.37
C GLU A 41 -2.57 -5.26 6.35
N SER A 42 -1.36 -5.57 6.77
CA SER A 42 -0.29 -5.86 5.83
CA SER A 42 -0.29 -5.85 5.82
C SER A 42 -0.72 -6.99 4.89
N GLY A 43 -0.42 -6.85 3.61
CA GLY A 43 -0.68 -7.89 2.63
C GLY A 43 -2.08 -7.85 2.05
N THR A 44 -2.83 -6.79 2.33
CA THR A 44 -4.22 -6.74 1.83
C THR A 44 -4.33 -6.03 0.48
N GLY A 45 -3.19 -5.60 -0.06
CA GLY A 45 -3.15 -5.03 -1.39
C GLY A 45 -3.26 -3.52 -1.42
N LYS A 46 -2.89 -2.85 -0.33
CA LYS A 46 -3.03 -1.39 -0.30
C LYS A 46 -2.15 -0.70 -1.35
N GLU A 47 -0.91 -1.14 -1.55
CA GLU A 47 -0.06 -0.46 -2.55
C GLU A 47 -0.57 -0.80 -3.96
N VAL A 48 -1.10 -2.00 -4.13
CA VAL A 48 -1.73 -2.36 -5.40
C VAL A 48 -2.89 -1.42 -5.72
N VAL A 49 -3.72 -1.17 -4.71
CA VAL A 49 -4.84 -0.25 -4.86
C VAL A 49 -4.33 1.16 -5.19
N ALA A 50 -3.27 1.61 -4.51
CA ALA A 50 -2.73 2.95 -4.77
C ALA A 50 -2.24 3.11 -6.22
N ARG A 51 -1.49 2.12 -6.69
CA ARG A 51 -0.95 2.16 -8.05
C ARG A 51 -2.08 2.08 -9.07
N ASN A 52 -3.08 1.25 -8.79
CA ASN A 52 -4.24 1.15 -9.67
CA ASN A 52 -4.23 1.15 -9.68
C ASN A 52 -4.94 2.50 -9.77
N LEU A 53 -5.20 3.10 -8.61
CA LEU A 53 -5.82 4.45 -8.59
C LEU A 53 -5.02 5.40 -9.46
N HIS A 54 -3.70 5.41 -9.29
CA HIS A 54 -2.85 6.35 -10.01
C HIS A 54 -2.99 6.21 -11.52
N TYR A 55 -2.94 4.99 -12.02
CA TYR A 55 -3.02 4.78 -13.46
C TYR A 55 -4.44 4.96 -13.99
N HIS A 56 -5.41 5.13 -13.11
CA HIS A 56 -6.75 5.51 -13.54
C HIS A 56 -7.12 6.89 -13.05
N SER A 57 -6.14 7.78 -12.93
CA SER A 57 -6.37 9.10 -12.40
C SER A 57 -5.97 10.18 -13.40
N LYS A 58 -6.13 11.44 -12.99
CA LYS A 58 -5.66 12.54 -13.81
C LYS A 58 -4.14 12.61 -13.79
N ARG A 59 -3.53 11.85 -12.89
CA ARG A 59 -2.09 11.83 -12.76
C ARG A 59 -1.46 10.67 -13.54
N ARG A 60 -2.28 9.95 -14.32
CA ARG A 60 -1.85 8.68 -14.88
C ARG A 60 -0.66 8.78 -15.84
N GLU A 61 -0.39 9.96 -16.39
CA GLU A 61 0.79 10.11 -17.23
C GLU A 61 1.95 10.72 -16.45
N GLY A 62 1.75 10.93 -15.16
CA GLY A 62 2.77 11.52 -14.31
C GLY A 62 3.45 10.50 -13.43
N PRO A 63 4.37 10.95 -12.56
CA PRO A 63 5.13 10.06 -11.67
C PRO A 63 4.32 9.51 -10.49
N PHE A 64 4.59 8.28 -10.12
CA PHE A 64 4.08 7.67 -8.90
C PHE A 64 5.25 7.51 -7.93
N VAL A 65 5.25 8.29 -6.85
CA VAL A 65 6.39 8.36 -5.95
C VAL A 65 6.05 7.89 -4.54
N PRO A 66 6.58 6.72 -4.16
CA PRO A 66 6.34 6.16 -2.82
C PRO A 66 7.20 6.83 -1.77
N VAL A 67 6.66 6.91 -0.56
CA VAL A 67 7.40 7.35 0.60
C VAL A 67 7.13 6.35 1.70
N ASN A 68 8.17 5.68 2.19
CA ASN A 68 7.98 4.72 3.26
C ASN A 68 8.26 5.39 4.58
N CYS A 69 7.19 5.92 5.16
CA CYS A 69 7.31 6.86 6.27
C CYS A 69 8.00 6.28 7.50
N GLY A 70 7.85 4.97 7.71
CA GLY A 70 8.42 4.32 8.87
C GLY A 70 9.73 3.60 8.61
N ALA A 71 10.28 3.77 7.41
CA ALA A 71 11.55 3.13 7.08
C ALA A 71 12.67 4.16 7.11
N ILE A 72 12.33 5.36 6.65
CA ILE A 72 13.27 6.47 6.60
C ILE A 72 13.61 6.94 8.01
N PRO A 73 14.91 7.09 8.31
CA PRO A 73 15.33 7.65 9.60
C PRO A 73 14.66 9.00 9.86
N ALA A 74 14.15 9.20 11.07
CA ALA A 74 13.36 10.40 11.38
C ALA A 74 14.18 11.65 11.12
N GLU A 75 15.47 11.57 11.41
CA GLU A 75 16.37 12.70 11.22
C GLU A 75 16.66 13.02 9.75
N LEU A 76 16.23 12.15 8.84
CA LEU A 76 16.50 12.33 7.41
C LEU A 76 15.22 12.52 6.60
N LEU A 77 14.08 12.33 7.25
CA LEU A 77 12.81 12.33 6.53
C LEU A 77 12.48 13.72 5.95
N GLU A 78 12.87 14.78 6.66
CA GLU A 78 12.59 16.14 6.19
C GLU A 78 13.29 16.35 4.85
N SER A 79 14.59 16.04 4.82
CA SER A 79 15.36 16.05 3.59
C SER A 79 14.76 15.17 2.49
N GLU A 80 14.38 13.94 2.85
CA GLU A 80 13.80 13.01 1.88
C GLU A 80 12.51 13.55 1.25
N LEU A 81 11.64 14.13 2.06
CA LEU A 81 10.37 14.65 1.55
C LEU A 81 10.53 15.98 0.82
N PHE A 82 11.33 16.86 1.38
CA PHE A 82 11.35 18.26 0.94
C PHE A 82 12.57 18.64 0.11
N GLY A 83 13.56 17.76 0.08
CA GLY A 83 14.81 18.05 -0.61
C GLY A 83 15.72 18.87 0.28
N HIS A 84 16.94 19.09 -0.17
CA HIS A 84 17.86 19.93 0.58
C HIS A 84 18.81 20.72 -0.33
N GLU A 85 19.27 21.85 0.17
CA GLU A 85 20.35 22.60 -0.48
C GLU A 85 21.69 22.11 0.03
N LYS A 86 22.70 22.23 -0.82
CA LYS A 86 24.09 21.97 -0.46
C LYS A 86 24.45 22.61 0.87
N GLY A 87 24.96 21.82 1.81
CA GLY A 87 25.44 22.34 3.08
C GLY A 87 24.39 22.49 4.15
N ALA A 88 23.16 22.06 3.85
CA ALA A 88 22.05 22.17 4.79
C ALA A 88 22.35 21.44 6.09
N PHE A 89 23.02 20.30 5.98
CA PHE A 89 23.36 19.49 7.15
C PHE A 89 24.60 18.64 6.88
N THR A 90 25.04 17.92 7.90
CA THR A 90 26.20 17.04 7.76
C THR A 90 25.92 15.98 6.72
N GLY A 91 26.71 15.99 5.64
CA GLY A 91 26.52 15.04 4.56
C GLY A 91 25.97 15.66 3.28
N ALA A 92 25.34 16.82 3.41
CA ALA A 92 24.72 17.49 2.26
C ALA A 92 25.74 18.23 1.40
N ILE A 93 26.47 17.50 0.56
CA ILE A 93 27.45 18.14 -0.32
C ILE A 93 26.92 18.34 -1.73
N THR A 94 25.67 17.94 -1.96
CA THR A 94 24.95 18.28 -3.20
C THR A 94 23.56 18.81 -2.86
N SER A 95 22.99 19.57 -3.78
CA SER A 95 21.61 20.03 -3.62
C SER A 95 20.69 19.11 -4.41
N ARG A 96 19.69 18.56 -3.71
CA ARG A 96 18.85 17.48 -4.27
C ARG A 96 17.36 17.70 -4.05
N ALA A 97 16.56 17.30 -5.04
CA ALA A 97 15.11 17.41 -4.95
C ALA A 97 14.54 16.26 -4.13
N GLY A 98 13.51 16.55 -3.34
CA GLY A 98 12.90 15.54 -2.48
C GLY A 98 11.71 14.87 -3.14
N ARG A 99 11.00 14.05 -2.38
CA ARG A 99 9.90 13.25 -2.91
C ARG A 99 8.74 14.12 -3.40
N PHE A 100 8.49 15.22 -2.70
CA PHE A 100 7.41 16.10 -3.11
C PHE A 100 7.70 16.72 -4.47
N GLU A 101 8.92 17.23 -4.62
CA GLU A 101 9.34 17.82 -5.90
C GLU A 101 9.30 16.77 -6.99
N LEU A 102 9.75 15.55 -6.68
CA LEU A 102 9.76 14.48 -7.65
C LEU A 102 8.35 14.02 -8.06
N ALA A 103 7.39 14.20 -7.16
CA ALA A 103 6.02 13.76 -7.40
C ALA A 103 5.17 14.83 -8.09
N ASN A 104 5.74 16.01 -8.32
CA ASN A 104 4.99 17.10 -8.96
C ASN A 104 4.33 16.67 -10.26
N GLY A 105 3.05 17.03 -10.40
CA GLY A 105 2.27 16.61 -11.55
C GLY A 105 1.85 15.15 -11.52
N GLY A 106 2.13 14.47 -10.41
CA GLY A 106 1.82 13.06 -10.29
C GLY A 106 1.20 12.71 -8.95
N THR A 107 1.53 11.50 -8.46
CA THR A 107 0.95 11.02 -7.21
C THR A 107 2.03 10.78 -6.16
N LEU A 108 1.79 11.28 -4.94
CA LEU A 108 2.67 10.98 -3.82
C LEU A 108 2.00 9.93 -2.94
N PHE A 109 2.63 8.76 -2.83
CA PHE A 109 2.05 7.66 -2.07
C PHE A 109 2.73 7.54 -0.70
N LEU A 110 1.98 7.83 0.36
CA LEU A 110 2.54 7.78 1.72
C LEU A 110 2.24 6.43 2.35
N ASP A 111 3.23 5.54 2.28
CA ASP A 111 3.15 4.19 2.86
C ASP A 111 3.34 4.28 4.37
N GLU A 112 2.46 3.60 5.09
CA GLU A 112 2.34 3.66 6.54
C GLU A 112 2.48 5.07 7.11
N ILE A 113 1.48 5.90 6.83
CA ILE A 113 1.47 7.29 7.30
C ILE A 113 1.45 7.34 8.84
N GLY A 114 0.98 6.29 9.50
CA GLY A 114 0.94 6.26 10.95
C GLY A 114 2.32 6.20 11.59
N ASP A 115 3.33 5.89 10.79
CA ASP A 115 4.70 5.86 11.29
C ASP A 115 5.46 7.15 11.02
N MET A 116 4.80 8.13 10.43
CA MET A 116 5.47 9.41 10.19
C MET A 116 5.62 10.13 11.53
N PRO A 117 6.84 10.62 11.83
CA PRO A 117 7.06 11.38 13.08
C PRO A 117 6.19 12.64 13.16
N LEU A 118 5.74 12.97 14.38
CA LEU A 118 4.95 14.20 14.59
C LEU A 118 5.52 15.48 13.94
N PRO A 119 6.83 15.74 14.07
CA PRO A 119 7.39 16.95 13.44
C PRO A 119 7.12 16.99 11.94
N MET A 120 7.18 15.85 11.28
CA MET A 120 6.92 15.81 9.85
C MET A 120 5.43 15.79 9.53
N GLN A 121 4.61 15.26 10.44
CA GLN A 121 3.16 15.31 10.24
C GLN A 121 2.70 16.73 10.08
N VAL A 122 3.21 17.62 10.92
CA VAL A 122 2.77 19.01 10.86
C VAL A 122 3.33 19.70 9.61
N LYS A 123 4.57 19.40 9.24
CA LYS A 123 5.16 20.02 8.05
C LYS A 123 4.45 19.55 6.80
N LEU A 124 4.10 18.26 6.75
CA LEU A 124 3.28 17.75 5.66
C LEU A 124 1.95 18.49 5.57
N LEU A 125 1.27 18.65 6.70
CA LEU A 125 -0.02 19.33 6.68
C LEU A 125 0.09 20.76 6.12
N ARG A 126 1.16 21.48 6.47
CA ARG A 126 1.29 22.86 5.98
C ARG A 126 1.46 22.85 4.48
N VAL A 127 2.16 21.85 3.97
CA VAL A 127 2.38 21.73 2.55
C VAL A 127 1.08 21.40 1.84
N LEU A 128 0.26 20.56 2.45
CA LEU A 128 -1.06 20.26 1.90
C LEU A 128 -1.95 21.52 1.87
N GLN A 129 -1.85 22.34 2.91
CA GLN A 129 -2.63 23.57 3.02
C GLN A 129 -2.15 24.65 2.07
N GLU A 130 -0.85 24.92 2.06
CA GLU A 130 -0.30 26.06 1.32
C GLU A 130 0.09 25.71 -0.12
N ARG A 131 0.25 24.42 -0.38
CA ARG A 131 0.64 23.89 -1.68
C ARG A 131 2.01 24.44 -2.09
N THR A 132 2.82 24.75 -1.08
CA THR A 132 4.18 25.22 -1.29
C THR A 132 5.09 24.57 -0.27
N PHE A 133 6.38 24.51 -0.61
CA PHE A 133 7.38 23.98 0.31
C PHE A 133 8.72 24.66 0.05
N GLU A 134 9.63 24.55 1.02
CA GLU A 134 11.04 24.90 0.82
C GLU A 134 11.90 23.67 1.04
N ARG A 135 12.98 23.55 0.25
CA ARG A 135 14.00 22.55 0.53
C ARG A 135 14.66 22.86 1.86
N VAL A 136 15.19 21.84 2.52
CA VAL A 136 15.91 22.06 3.77
C VAL A 136 17.09 22.99 3.49
N GLY A 137 17.21 24.03 4.29
CA GLY A 137 18.31 24.98 4.14
C GLY A 137 18.05 26.06 3.09
N SER A 138 16.85 26.08 2.53
CA SER A 138 16.53 27.02 1.45
C SER A 138 15.47 28.04 1.83
N ASN A 139 15.58 29.22 1.23
CA ASN A 139 14.60 30.27 1.38
C ASN A 139 13.56 30.22 0.26
N LYS A 140 13.93 29.54 -0.83
CA LYS A 140 13.09 29.51 -2.05
C LYS A 140 11.82 28.73 -1.81
N THR A 141 10.68 29.42 -1.89
CA THR A 141 9.40 28.76 -1.77
C THR A 141 9.02 28.19 -3.13
N GLN A 142 8.83 26.88 -3.18
CA GLN A 142 8.51 26.19 -4.42
C GLN A 142 7.06 25.75 -4.42
N ASN A 143 6.46 25.72 -5.61
CA ASN A 143 5.12 25.18 -5.77
C ASN A 143 5.13 23.65 -5.81
N VAL A 144 4.08 23.04 -5.28
CA VAL A 144 3.82 21.62 -5.51
C VAL A 144 2.38 21.31 -5.85
N ASP A 145 2.23 20.40 -6.80
CA ASP A 145 0.92 19.91 -7.20
C ASP A 145 0.99 18.39 -7.24
N VAL A 146 0.60 17.76 -6.14
CA VAL A 146 0.62 16.30 -6.08
C VAL A 146 -0.75 15.77 -5.67
N ARG A 147 -1.12 14.59 -6.17
CA ARG A 147 -2.34 13.98 -5.67
C ARG A 147 -1.89 13.07 -4.52
N ILE A 148 -2.55 13.12 -3.38
CA ILE A 148 -2.11 12.34 -2.23
C ILE A 148 -2.86 11.03 -2.12
N ILE A 149 -2.11 9.93 -1.99
CA ILE A 149 -2.68 8.67 -1.57
C ILE A 149 -1.89 8.18 -0.37
N ALA A 150 -2.57 7.86 0.73
CA ALA A 150 -1.87 7.36 1.93
C ALA A 150 -2.39 5.99 2.31
N ALA A 151 -1.60 5.26 3.09
CA ALA A 151 -2.00 3.93 3.51
C ALA A 151 -1.55 3.66 4.94
N THR A 152 -2.34 2.87 5.67
CA THR A 152 -1.95 2.54 7.03
C THR A 152 -2.58 1.22 7.46
N HIS A 153 -1.88 0.50 8.33
CA HIS A 153 -2.46 -0.66 9.00
C HIS A 153 -2.72 -0.32 10.46
N LYS A 154 -2.49 0.93 10.83
CA LYS A 154 -2.65 1.33 12.22
C LYS A 154 -3.99 1.98 12.50
N ASN A 155 -4.31 2.12 13.78
CA ASN A 155 -5.53 2.78 14.23
C ASN A 155 -5.27 4.26 14.45
N LEU A 156 -5.47 5.08 13.42
CA LEU A 156 -5.12 6.50 13.52
C LEU A 156 -5.98 7.25 14.54
N GLU A 157 -7.20 6.78 14.73
CA GLU A 157 -8.11 7.39 15.70
C GLU A 157 -7.57 7.24 17.13
N LYS A 158 -7.06 6.06 17.44
CA LYS A 158 -6.42 5.81 18.73
C LYS A 158 -5.16 6.67 18.88
N MET A 159 -4.38 6.75 17.80
CA MET A 159 -3.15 7.54 17.86
C MET A 159 -3.47 9.00 18.13
N ILE A 160 -4.55 9.51 17.56
CA ILE A 160 -4.98 10.88 17.85
C ILE A 160 -5.25 11.02 19.36
N GLU A 161 -5.94 10.03 19.91
CA GLU A 161 -6.22 9.99 21.35
C GLU A 161 -4.92 9.95 22.16
N ASP A 162 -3.93 9.25 21.63
CA ASP A 162 -2.66 9.07 22.33
C ASP A 162 -1.73 10.24 22.11
N GLY A 163 -2.10 11.12 21.18
CA GLY A 163 -1.27 12.28 20.89
C GLY A 163 -0.09 11.92 20.00
N THR A 164 -0.17 10.77 19.32
CA THR A 164 0.91 10.35 18.44
C THR A 164 0.58 10.59 16.96
N PHE A 165 -0.64 11.03 16.68
CA PHE A 165 -1.00 11.42 15.32
C PHE A 165 -1.87 12.69 15.39
N ARG A 166 -1.65 13.57 14.42
CA ARG A 166 -2.32 14.88 14.39
C ARG A 166 -3.72 14.78 13.83
N GLU A 167 -4.68 15.31 14.57
CA GLU A 167 -6.09 15.28 14.16
C GLU A 167 -6.34 16.18 12.95
N ASP A 168 -5.66 17.32 12.89
CA ASP A 168 -5.82 18.18 11.73
C ASP A 168 -5.29 17.52 10.44
N LEU A 169 -4.15 16.83 10.53
CA LEU A 169 -3.66 16.05 9.37
C LEU A 169 -4.60 14.91 8.99
N TYR A 170 -5.13 14.24 10.01
CA TYR A 170 -6.06 13.12 9.80
C TYR A 170 -7.26 13.54 8.94
N TYR A 171 -7.90 14.64 9.28
CA TYR A 171 -9.08 15.02 8.50
C TYR A 171 -8.73 15.53 7.11
N ARG A 172 -7.51 16.03 6.96
CA ARG A 172 -7.02 16.46 5.64
C ARG A 172 -6.71 15.25 4.76
N LEU A 173 -6.18 14.18 5.32
CA LEU A 173 -5.84 12.99 4.52
C LEU A 173 -7.04 12.09 4.30
N ASN A 174 -7.89 11.97 5.32
CA ASN A 174 -8.96 11.00 5.32
C ASN A 174 -10.22 11.53 4.64
N VAL A 175 -10.07 12.10 3.45
CA VAL A 175 -11.24 12.59 2.71
C VAL A 175 -12.03 11.43 2.11
N PHE A 176 -11.31 10.45 1.54
CA PHE A 176 -11.98 9.31 0.93
C PHE A 176 -11.32 8.01 1.39
N PRO A 177 -11.84 7.43 2.48
CA PRO A 177 -11.22 6.21 3.03
C PRO A 177 -11.63 4.96 2.25
N ILE A 178 -10.68 4.06 2.04
CA ILE A 178 -11.00 2.79 1.42
C ILE A 178 -10.45 1.70 2.34
N GLU A 179 -11.35 0.87 2.88
CA GLU A 179 -10.94 -0.21 3.79
C GLU A 179 -10.77 -1.52 3.06
N MET A 180 -9.63 -2.17 3.25
CA MET A 180 -9.36 -3.48 2.66
C MET A 180 -9.60 -4.55 3.69
N ALA A 181 -10.56 -5.44 3.47
CA ALA A 181 -10.82 -6.52 4.41
C ALA A 181 -9.69 -7.55 4.43
N PRO A 182 -9.41 -8.12 5.59
CA PRO A 182 -8.38 -9.17 5.63
C PRO A 182 -8.83 -10.40 4.87
N LEU A 183 -7.88 -11.21 4.43
CA LEU A 183 -8.20 -12.38 3.61
C LEU A 183 -9.17 -13.31 4.36
N ARG A 184 -9.00 -13.43 5.67
CA ARG A 184 -9.83 -14.34 6.46
C ARG A 184 -11.29 -13.90 6.48
N GLU A 185 -11.56 -12.65 6.12
CA GLU A 185 -12.94 -12.18 6.02
C GLU A 185 -13.48 -12.22 4.60
N ARG A 186 -12.72 -12.77 3.67
CA ARG A 186 -13.21 -12.88 2.30
C ARG A 186 -12.71 -14.17 1.65
N VAL A 187 -12.78 -15.26 2.38
CA VAL A 187 -12.18 -16.51 1.90
C VAL A 187 -12.85 -17.00 0.63
N GLU A 188 -14.01 -16.45 0.28
CA GLU A 188 -14.67 -16.87 -0.96
C GLU A 188 -13.87 -16.46 -2.20
N ASP A 189 -12.94 -15.52 -2.03
CA ASP A 189 -12.11 -15.05 -3.14
C ASP A 189 -10.82 -15.85 -3.32
N ILE A 190 -10.55 -16.80 -2.43
CA ILE A 190 -9.24 -17.47 -2.48
C ILE A 190 -9.00 -18.25 -3.77
N ALA A 191 -10.01 -18.95 -4.28
CA ALA A 191 -9.84 -19.68 -5.54
C ALA A 191 -9.48 -18.75 -6.69
N LEU A 192 -10.19 -17.64 -6.81
CA LEU A 192 -9.92 -16.65 -7.83
C LEU A 192 -8.53 -16.00 -7.65
N LEU A 193 -8.18 -15.67 -6.41
CA LEU A 193 -6.85 -15.14 -6.11
C LEU A 193 -5.76 -16.12 -6.52
N LEU A 194 -5.96 -17.38 -6.18
CA LEU A 194 -5.00 -18.41 -6.55
C LEU A 194 -4.85 -18.55 -8.05
N ASN A 195 -5.97 -18.49 -8.79
CA ASN A 195 -5.87 -18.56 -10.24
C ASN A 195 -5.01 -17.44 -10.81
N GLU A 196 -5.18 -16.25 -10.26
CA GLU A 196 -4.44 -15.10 -10.73
C GLU A 196 -2.96 -15.23 -10.37
N LEU A 197 -2.70 -15.64 -9.13
CA LEU A 197 -1.32 -15.85 -8.70
C LEU A 197 -0.61 -16.90 -9.57
N ILE A 198 -1.31 -18.00 -9.81
CA ILE A 198 -0.74 -19.08 -10.62
C ILE A 198 -0.53 -18.61 -12.07
N SER A 199 -1.50 -17.86 -12.60
CA SER A 199 -1.35 -17.35 -13.96
C SER A 199 -0.12 -16.45 -14.10
N ARG A 200 0.10 -15.59 -13.12
CA ARG A 200 1.26 -14.70 -13.14
C ARG A 200 2.54 -15.51 -13.14
N MET A 201 2.62 -16.51 -12.26
CA MET A 201 3.80 -17.36 -12.13
C MET A 201 4.10 -18.08 -13.44
N GLU A 202 3.06 -18.57 -14.10
CA GLU A 202 3.20 -19.34 -15.33
C GLU A 202 3.57 -18.44 -16.50
N HIS A 203 2.97 -17.26 -16.55
CA HIS A 203 3.28 -16.26 -17.57
C HIS A 203 4.75 -15.85 -17.49
N GLU A 204 5.25 -15.76 -16.27
CA GLU A 204 6.63 -15.39 -16.03
C GLU A 204 7.58 -16.60 -16.02
N LYS A 205 7.06 -17.75 -16.43
CA LYS A 205 7.85 -18.99 -16.51
C LYS A 205 8.59 -19.33 -15.21
N ARG A 206 7.92 -19.11 -14.07
CA ARG A 206 8.53 -19.39 -12.77
C ARG A 206 8.01 -20.66 -12.12
N GLY A 207 7.16 -21.40 -12.81
CA GLY A 207 6.60 -22.60 -12.24
C GLY A 207 5.12 -22.74 -12.56
N SER A 208 4.54 -23.83 -12.10
CA SER A 208 3.15 -24.16 -12.40
C SER A 208 2.63 -25.13 -11.36
N ILE A 209 1.45 -24.84 -10.82
CA ILE A 209 0.75 -25.77 -9.92
C ILE A 209 -0.76 -25.56 -10.13
N ARG A 210 -1.57 -26.43 -9.54
CA ARG A 210 -2.98 -26.07 -9.35
C ARG A 210 -3.46 -26.82 -8.13
N PHE A 211 -4.51 -26.30 -7.50
CA PHE A 211 -5.02 -26.81 -6.24
C PHE A 211 -6.31 -27.60 -6.45
N ASN A 212 -6.45 -28.73 -5.76
CA ASN A 212 -7.75 -29.42 -5.83
C ASN A 212 -8.71 -28.80 -4.81
N SER A 213 -9.96 -29.23 -4.85
CA SER A 213 -10.98 -28.56 -4.03
C SER A 213 -10.76 -28.79 -2.54
N ALA A 214 -10.24 -29.95 -2.17
CA ALA A 214 -9.97 -30.22 -0.76
C ALA A 214 -8.92 -29.25 -0.21
N ALA A 215 -7.86 -29.02 -1.00
CA ALA A 215 -6.82 -28.07 -0.59
C ALA A 215 -7.40 -26.67 -0.49
N ILE A 216 -8.27 -26.30 -1.43
CA ILE A 216 -8.86 -24.95 -1.40
C ILE A 216 -9.74 -24.81 -0.14
N MET A 217 -10.49 -25.86 0.19
CA MET A 217 -11.32 -25.84 1.40
C MET A 217 -10.45 -25.65 2.63
N SER A 218 -9.34 -26.37 2.68
CA SER A 218 -8.39 -26.25 3.79
C SER A 218 -7.86 -24.81 3.90
N LEU A 219 -7.41 -24.25 2.78
CA LEU A 219 -6.91 -22.86 2.79
C LEU A 219 -7.97 -21.84 3.22
N CYS A 220 -9.24 -22.13 2.96
CA CYS A 220 -10.33 -21.21 3.34
C CYS A 220 -10.57 -21.23 4.85
N ARG A 221 -9.93 -22.16 5.55
CA ARG A 221 -10.05 -22.22 7.01
C ARG A 221 -8.80 -21.68 7.71
N HIS A 222 -7.85 -21.19 6.92
CA HIS A 222 -6.58 -20.65 7.45
C HIS A 222 -6.84 -19.20 7.83
N ASP A 223 -6.09 -18.69 8.81
N ASP A 223 -6.11 -18.66 8.80
CA ASP A 223 -6.29 -17.33 9.31
CA ASP A 223 -6.39 -17.30 9.24
C ASP A 223 -5.60 -16.26 8.48
C ASP A 223 -5.55 -16.23 8.53
N TRP A 224 -4.57 -16.66 7.73
CA TRP A 224 -3.80 -15.76 6.88
C TRP A 224 -3.30 -14.48 7.55
N PRO A 225 -2.42 -14.62 8.54
CA PRO A 225 -1.89 -13.43 9.21
C PRO A 225 -1.24 -12.45 8.23
N GLY A 226 -0.68 -12.96 7.12
CA GLY A 226 -0.03 -12.13 6.12
C GLY A 226 -0.89 -11.86 4.91
N ASN A 227 -2.15 -12.25 5.03
CA ASN A 227 -3.15 -12.00 3.99
C ASN A 227 -2.71 -12.41 2.59
N VAL A 228 -2.95 -11.58 1.58
CA VAL A 228 -2.74 -12.03 0.20
C VAL A 228 -1.27 -12.26 -0.11
N ARG A 229 -0.39 -11.45 0.51
N ARG A 229 -0.39 -11.45 0.51
CA ARG A 229 1.03 -11.64 0.30
CA ARG A 229 1.03 -11.63 0.32
C ARG A 229 1.48 -13.02 0.82
C ARG A 229 1.49 -13.00 0.83
N GLU A 230 0.89 -13.45 1.93
CA GLU A 230 1.20 -14.76 2.49
C GLU A 230 0.70 -15.85 1.55
N LEU A 231 -0.48 -15.63 0.98
CA LEU A 231 -1.03 -16.57 -0.03
C LEU A 231 -0.13 -16.68 -1.26
N ALA A 232 0.38 -15.55 -1.72
CA ALA A 232 1.31 -15.53 -2.86
C ALA A 232 2.59 -16.30 -2.54
N ASN A 233 3.10 -16.06 -1.33
CA ASN A 233 4.29 -16.78 -0.85
C ASN A 233 4.07 -18.30 -0.87
N LEU A 234 2.90 -18.74 -0.43
CA LEU A 234 2.61 -20.19 -0.44
C LEU A 234 2.63 -20.75 -1.86
N VAL A 235 2.04 -20.03 -2.81
CA VAL A 235 2.03 -20.49 -4.20
C VAL A 235 3.47 -20.66 -4.71
N GLU A 236 4.32 -19.67 -4.45
CA GLU A 236 5.73 -19.74 -4.87
C GLU A 236 6.41 -20.96 -4.27
N ARG A 237 6.19 -21.17 -2.97
CA ARG A 237 6.83 -22.27 -2.26
C ARG A 237 6.38 -23.62 -2.80
N LEU A 238 5.07 -23.76 -3.04
CA LEU A 238 4.53 -25.02 -3.54
C LEU A 238 5.03 -25.36 -4.93
N ALA A 239 5.28 -24.34 -5.74
CA ALA A 239 5.77 -24.56 -7.09
C ALA A 239 7.20 -25.11 -7.08
N ILE A 240 7.89 -24.93 -5.97
CA ILE A 240 9.20 -25.58 -5.79
C ILE A 240 9.05 -26.99 -5.20
N MET A 241 8.20 -27.13 -4.20
CA MET A 241 8.06 -28.42 -3.51
C MET A 241 7.37 -29.47 -4.38
N HIS A 242 6.45 -29.01 -5.22
CA HIS A 242 5.68 -29.92 -6.06
C HIS A 242 5.56 -29.35 -7.47
N PRO A 243 6.71 -29.27 -8.18
CA PRO A 243 6.67 -28.60 -9.49
C PRO A 243 5.72 -29.30 -10.44
N TYR A 244 4.91 -28.49 -11.12
CA TYR A 244 3.88 -28.96 -12.04
C TYR A 244 2.96 -29.98 -11.39
N GLY A 245 2.79 -29.83 -10.08
CA GLY A 245 1.98 -30.74 -9.30
C GLY A 245 0.56 -30.26 -9.06
N VAL A 246 -0.31 -31.20 -8.74
CA VAL A 246 -1.65 -30.90 -8.25
C VAL A 246 -1.61 -30.92 -6.73
N ILE A 247 -1.96 -29.80 -6.13
CA ILE A 247 -1.86 -29.64 -4.69
C ILE A 247 -3.13 -30.09 -3.98
N GLY A 248 -3.02 -31.16 -3.19
CA GLY A 248 -4.10 -31.59 -2.33
C GLY A 248 -3.75 -31.29 -0.89
N VAL A 249 -4.61 -31.71 0.03
CA VAL A 249 -4.41 -31.44 1.45
C VAL A 249 -3.04 -31.92 1.92
N GLY A 250 -2.63 -33.08 1.42
CA GLY A 250 -1.35 -33.65 1.82
C GLY A 250 -0.12 -32.95 1.27
N GLU A 251 -0.29 -32.14 0.23
CA GLU A 251 0.83 -31.41 -0.36
C GLU A 251 0.99 -30.04 0.29
N LEU A 252 0.00 -29.65 1.09
CA LEU A 252 0.10 -28.41 1.87
C LEU A 252 1.00 -28.61 3.07
N PRO A 253 1.81 -27.58 3.40
CA PRO A 253 2.52 -27.58 4.69
C PRO A 253 1.52 -27.75 5.83
N LYS A 254 1.96 -28.45 6.88
CA LYS A 254 1.11 -28.79 8.01
C LYS A 254 0.27 -27.66 8.55
N LYS A 255 0.85 -26.46 8.65
CA LYS A 255 0.14 -25.37 9.30
C LYS A 255 -1.02 -24.85 8.47
N PHE A 256 -1.09 -25.27 7.21
CA PHE A 256 -2.18 -24.88 6.30
C PHE A 256 -3.25 -25.96 6.19
N ARG A 257 -3.04 -27.09 6.86
CA ARG A 257 -3.99 -28.20 6.78
C ARG A 257 -5.08 -28.05 7.82
N HIS A 258 -6.30 -27.82 7.36
CA HIS A 258 -7.41 -27.61 8.28
C HIS A 258 -8.59 -28.45 7.82
N VAL A 259 -8.78 -29.59 8.46
CA VAL A 259 -9.86 -30.48 8.09
C VAL A 259 -10.62 -30.88 9.34
N ASP A 260 -11.93 -31.09 9.18
CA ASP A 260 -12.97 -31.51 10.17
C ASP A 260 -13.92 -30.35 10.42
#